data_8ZLF
#
_entry.id   8ZLF
#
_cell.length_a   56.590
_cell.length_b   69.337
_cell.length_c   57.615
_cell.angle_alpha   90.000
_cell.angle_beta   118.275
_cell.angle_gamma   90.000
#
_symmetry.space_group_name_H-M   'P 1 21 1'
#
loop_
_entity.id
_entity.type
_entity.pdbx_description
1 polymer 'Rho/RAC guanine nucleotide exchange factor, putative'
2 non-polymer 'CITRIC ACID'
3 water water
#
_entity_poly.entity_id   1
_entity_poly.type   'polypeptide(L)'
_entity_poly.pdbx_seq_one_letter_code
;KEDYRERIVNEMFDTEKSYVNSMEICIKGYYEPLIQSGHSVAPADKVNAVFLHFQSVLSINKELLKNMTELKEKGELSTR
LGEAFSQFIPMMNVYKLFLGNSDTSLQFLVELEKSSKFNDILDLLRSHLPGDNQLDLRSYLIMPVQRLPRYKLLLTDLIK
HTDDDFVDKPKLIDALDKISKLATLVNEVIKERSRNQKLLELVDKIEGL
;
_entity_poly.pdbx_strand_id   A,B
#
loop_
_chem_comp.id
_chem_comp.type
_chem_comp.name
_chem_comp.formula
CIT non-polymer 'CITRIC ACID' 'C6 H8 O7'
#
# COMPACT_ATOMS: atom_id res chain seq x y z
N LYS A 1 -19.97 -10.88 9.67
CA LYS A 1 -19.20 -11.84 8.81
C LYS A 1 -19.46 -11.54 7.34
N GLU A 2 -20.70 -11.21 6.96
CA GLU A 2 -20.99 -10.80 5.60
C GLU A 2 -20.27 -9.50 5.27
N ASP A 3 -20.14 -8.63 6.28
CA ASP A 3 -19.60 -7.30 6.06
C ASP A 3 -18.07 -7.35 6.09
N TYR A 4 -17.51 -8.34 6.78
CA TYR A 4 -16.08 -8.60 6.67
C TYR A 4 -15.74 -8.99 5.25
N ARG A 5 -16.58 -9.88 4.70
CA ARG A 5 -16.42 -10.40 3.34
C ARG A 5 -16.45 -9.24 2.36
N GLU A 6 -17.46 -8.38 2.50
CA GLU A 6 -17.62 -7.24 1.63
C GLU A 6 -16.30 -6.46 1.52
N ARG A 7 -15.63 -6.26 2.67
CA ARG A 7 -14.38 -5.51 2.71
C ARG A 7 -13.35 -6.11 1.75
N ILE A 8 -13.08 -7.41 1.91
CA ILE A 8 -12.12 -8.11 1.07
C ILE A 8 -12.46 -7.93 -0.40
N VAL A 9 -13.71 -8.20 -0.76
CA VAL A 9 -14.17 -7.99 -2.14
C VAL A 9 -13.75 -6.58 -2.56
N ASN A 10 -14.04 -5.57 -1.75
CA ASN A 10 -13.77 -4.19 -2.11
C ASN A 10 -12.29 -3.90 -2.19
N GLU A 11 -11.48 -4.56 -1.35
CA GLU A 11 -10.05 -4.35 -1.35
C GLU A 11 -9.50 -4.87 -2.67
N MET A 12 -9.98 -6.06 -3.08
CA MET A 12 -9.47 -6.67 -4.31
C MET A 12 -9.78 -5.73 -5.47
N PHE A 13 -11.02 -5.26 -5.53
CA PHE A 13 -11.44 -4.35 -6.57
C PHE A 13 -10.59 -3.08 -6.56
N ASP A 14 -10.38 -2.50 -5.37
CA ASP A 14 -9.72 -1.21 -5.26
C ASP A 14 -8.22 -1.35 -5.54
N THR A 15 -7.62 -2.48 -5.14
CA THR A 15 -6.21 -2.71 -5.43
C THR A 15 -6.01 -3.13 -6.89
N GLU A 16 -7.05 -3.66 -7.56
CA GLU A 16 -6.94 -4.00 -8.97
C GLU A 16 -6.93 -2.73 -9.83
N LYS A 17 -7.94 -1.88 -9.62
CA LYS A 17 -8.02 -0.60 -10.29
C LYS A 17 -6.71 0.15 -10.10
N SER A 18 -6.20 0.15 -8.89
CA SER A 18 -4.96 0.84 -8.58
C SER A 18 -3.84 0.25 -9.43
N TYR A 19 -3.82 -1.09 -9.48
CA TYR A 19 -2.78 -1.85 -10.12
C TYR A 19 -2.79 -1.60 -11.63
N VAL A 20 -3.93 -1.80 -12.26
CA VAL A 20 -4.02 -1.57 -13.69
C VAL A 20 -3.70 -0.10 -13.99
N ASN A 21 -4.20 0.84 -13.18
CA ASN A 21 -3.95 2.26 -13.42
C ASN A 21 -2.44 2.54 -13.38
N SER A 22 -1.73 1.98 -12.37
CA SER A 22 -0.29 2.21 -12.25
C SER A 22 0.39 1.68 -13.48
N MET A 23 -0.08 0.52 -13.97
CA MET A 23 0.57 -0.16 -15.08
C MET A 23 0.46 0.68 -16.35
N GLU A 24 -0.68 1.31 -16.55
CA GLU A 24 -0.87 2.12 -17.74
C GLU A 24 0.07 3.32 -17.67
N ILE A 25 0.38 3.78 -16.45
CA ILE A 25 1.17 4.99 -16.26
C ILE A 25 2.65 4.69 -16.48
N CYS A 26 3.05 3.44 -16.29
CA CYS A 26 4.41 3.02 -16.57
C CYS A 26 4.61 2.84 -18.07
N ILE A 27 3.59 2.37 -18.77
CA ILE A 27 3.72 2.19 -20.21
C ILE A 27 3.70 3.57 -20.87
N LYS A 28 2.70 4.37 -20.53
CA LYS A 28 2.50 5.67 -21.13
C LYS A 28 3.69 6.57 -20.77
N GLY A 29 4.17 6.47 -19.54
CA GLY A 29 5.10 7.46 -18.99
C GLY A 29 6.58 7.07 -19.11
N TYR A 30 6.91 5.78 -19.14
CA TYR A 30 8.30 5.33 -19.24
C TYR A 30 8.58 4.64 -20.57
N TYR A 31 7.89 3.53 -20.78
CA TYR A 31 8.16 2.68 -21.93
C TYR A 31 7.99 3.44 -23.24
N GLU A 32 6.83 4.07 -23.45
CA GLU A 32 6.58 4.74 -24.71
C GLU A 32 7.59 5.85 -24.99
N PRO A 33 7.92 6.75 -24.04
CA PRO A 33 8.97 7.75 -24.28
C PRO A 33 10.34 7.19 -24.66
N LEU A 34 10.74 6.13 -23.96
CA LEU A 34 11.99 5.48 -24.29
C LEU A 34 11.98 4.96 -25.73
N ILE A 35 10.88 4.33 -26.16
CA ILE A 35 10.84 3.72 -27.49
C ILE A 35 10.74 4.78 -28.59
N GLN A 36 10.10 5.93 -28.31
CA GLN A 36 9.95 6.98 -29.30
C GLN A 36 11.23 7.80 -29.35
N SER A 37 11.84 8.13 -28.19
CA SER A 37 12.93 9.09 -28.12
C SER A 37 14.16 8.49 -28.80
N GLY A 38 14.30 7.15 -28.68
CA GLY A 38 15.41 6.43 -29.28
C GLY A 38 16.78 7.00 -28.88
N HIS A 39 16.99 7.18 -27.57
CA HIS A 39 18.27 7.62 -27.03
C HIS A 39 19.33 6.55 -27.28
N SER A 40 20.55 7.03 -27.56
CA SER A 40 21.75 6.23 -27.72
C SER A 40 22.03 5.41 -26.46
N VAL A 41 21.73 5.99 -25.29
CA VAL A 41 22.02 5.35 -24.02
C VAL A 41 20.85 4.47 -23.55
N ALA A 42 19.72 4.49 -24.27
CA ALA A 42 18.59 3.60 -24.03
C ALA A 42 18.11 2.96 -25.34
N PRO A 43 18.91 2.05 -25.95
CA PRO A 43 18.50 1.40 -27.19
C PRO A 43 17.30 0.47 -26.96
N ALA A 44 16.47 0.40 -28.02
CA ALA A 44 15.22 -0.33 -28.09
C ALA A 44 15.37 -1.74 -27.55
N ASP A 45 16.46 -2.41 -27.89
CA ASP A 45 16.59 -3.81 -27.52
C ASP A 45 16.72 -3.90 -26.01
N LYS A 46 17.55 -3.03 -25.44
CA LYS A 46 17.69 -2.92 -24.01
C LYS A 46 16.33 -2.60 -23.38
N VAL A 47 15.69 -1.53 -23.83
CA VAL A 47 14.38 -1.16 -23.30
C VAL A 47 13.40 -2.32 -23.41
N ASN A 48 13.34 -2.98 -24.57
CA ASN A 48 12.32 -3.98 -24.78
C ASN A 48 12.60 -5.18 -23.91
N ALA A 49 13.87 -5.54 -23.69
CA ALA A 49 14.13 -6.70 -22.86
C ALA A 49 13.71 -6.39 -21.44
N VAL A 50 13.84 -5.11 -21.06
CA VAL A 50 13.42 -4.66 -19.75
C VAL A 50 11.90 -4.79 -19.55
N PHE A 51 11.12 -4.38 -20.56
CA PHE A 51 9.68 -4.31 -20.41
C PHE A 51 8.98 -5.55 -20.93
N LEU A 52 9.74 -6.54 -21.40
CA LEU A 52 9.13 -7.64 -22.11
C LEU A 52 8.08 -8.33 -21.24
N HIS A 53 6.87 -8.56 -21.78
CA HIS A 53 5.75 -9.27 -21.16
C HIS A 53 5.00 -8.40 -20.18
N PHE A 54 5.07 -7.08 -20.30
CA PHE A 54 4.48 -6.21 -19.31
C PHE A 54 3.14 -5.74 -19.86
N GLN A 55 3.11 -5.24 -21.10
CA GLN A 55 1.84 -4.97 -21.78
C GLN A 55 0.93 -6.20 -21.72
N SER A 56 1.51 -7.40 -21.77
CA SER A 56 0.73 -8.62 -21.76
C SER A 56 -0.01 -8.78 -20.45
N VAL A 57 0.66 -8.41 -19.37
CA VAL A 57 0.05 -8.46 -18.04
C VAL A 57 -0.97 -7.35 -17.91
N LEU A 58 -0.62 -6.12 -18.30
CA LEU A 58 -1.61 -5.05 -18.35
C LEU A 58 -2.86 -5.53 -19.09
N SER A 59 -2.71 -6.16 -20.24
CA SER A 59 -3.88 -6.50 -21.04
C SER A 59 -4.88 -7.36 -20.27
N ILE A 60 -4.41 -8.47 -19.68
CA ILE A 60 -5.34 -9.44 -19.12
C ILE A 60 -5.92 -8.91 -17.82
N ASN A 61 -5.12 -8.11 -17.08
CA ASN A 61 -5.58 -7.43 -15.87
C ASN A 61 -6.58 -6.34 -16.23
N LYS A 62 -6.37 -5.59 -17.32
CA LYS A 62 -7.37 -4.60 -17.73
C LYS A 62 -8.72 -5.27 -18.04
N GLU A 63 -8.71 -6.45 -18.68
CA GLU A 63 -9.95 -7.18 -18.96
C GLU A 63 -10.60 -7.67 -17.65
N LEU A 64 -9.78 -8.09 -16.68
CA LEU A 64 -10.30 -8.52 -15.40
C LEU A 64 -11.01 -7.35 -14.70
N LEU A 65 -10.38 -6.18 -14.75
CA LEU A 65 -10.96 -4.96 -14.16
C LEU A 65 -12.26 -4.60 -14.87
N LYS A 66 -12.26 -4.70 -16.19
CA LYS A 66 -13.44 -4.43 -16.98
C LYS A 66 -14.62 -5.21 -16.38
N ASN A 67 -14.44 -6.52 -16.27
CA ASN A 67 -15.54 -7.40 -15.89
C ASN A 67 -15.92 -7.10 -14.43
N MET A 68 -14.92 -6.82 -13.60
CA MET A 68 -15.17 -6.49 -12.21
C MET A 68 -15.98 -5.20 -12.16
N THR A 69 -15.63 -4.26 -13.05
CA THR A 69 -16.33 -2.99 -13.07
C THR A 69 -17.74 -3.19 -13.56
N GLU A 70 -17.92 -4.03 -14.58
CA GLU A 70 -19.24 -4.32 -15.11
C GLU A 70 -20.12 -4.78 -13.95
N LEU A 71 -19.64 -5.77 -13.19
CA LEU A 71 -20.41 -6.37 -12.10
C LEU A 71 -20.72 -5.36 -11.00
N LYS A 72 -19.74 -4.51 -10.66
CA LYS A 72 -19.95 -3.59 -9.55
C LYS A 72 -21.11 -2.61 -9.85
N GLU A 73 -21.11 -2.02 -11.05
CA GLU A 73 -22.10 -1.05 -11.46
C GLU A 73 -23.49 -1.70 -11.48
N LYS A 74 -23.53 -3.02 -11.68
CA LYS A 74 -24.78 -3.78 -11.65
C LYS A 74 -25.08 -4.25 -10.21
N GLY A 75 -24.22 -3.86 -9.25
CA GLY A 75 -24.41 -4.17 -7.84
C GLY A 75 -24.31 -5.65 -7.51
N GLU A 76 -23.46 -6.41 -8.22
CA GLU A 76 -23.44 -7.86 -8.14
C GLU A 76 -22.01 -8.42 -8.18
N LEU A 77 -21.02 -7.65 -7.69
CA LEU A 77 -19.63 -8.06 -7.69
C LEU A 77 -19.34 -9.02 -6.53
N SER A 78 -19.87 -8.71 -5.35
CA SER A 78 -19.79 -9.57 -4.18
C SER A 78 -20.08 -11.02 -4.52
N THR A 79 -21.07 -11.20 -5.41
CA THR A 79 -21.68 -12.51 -5.58
C THR A 79 -21.19 -13.21 -6.85
N ARG A 80 -20.46 -12.52 -7.74
CA ARG A 80 -20.05 -13.11 -9.01
C ARG A 80 -18.59 -12.80 -9.34
N LEU A 81 -17.83 -12.38 -8.33
CA LEU A 81 -16.43 -12.04 -8.50
C LEU A 81 -15.65 -13.17 -9.15
N GLY A 82 -15.94 -14.43 -8.79
CA GLY A 82 -15.24 -15.59 -9.35
C GLY A 82 -15.56 -15.82 -10.81
N GLU A 83 -16.72 -15.30 -11.26
CA GLU A 83 -17.01 -15.16 -12.68
C GLU A 83 -15.93 -14.31 -13.37
N ALA A 84 -15.55 -13.16 -12.79
CA ALA A 84 -14.52 -12.29 -13.38
C ALA A 84 -13.18 -13.00 -13.48
N PHE A 85 -12.88 -13.80 -12.45
CA PHE A 85 -11.61 -14.49 -12.36
C PHE A 85 -11.53 -15.60 -13.41
N SER A 86 -12.69 -16.09 -13.83
CA SER A 86 -12.83 -17.23 -14.70
C SER A 86 -12.19 -16.94 -16.06
N GLN A 87 -12.28 -15.69 -16.53
CA GLN A 87 -11.64 -15.34 -17.78
C GLN A 87 -10.17 -15.10 -17.54
N PHE A 88 -9.82 -14.61 -16.35
CA PHE A 88 -8.48 -14.15 -16.06
C PHE A 88 -7.56 -15.34 -15.84
N ILE A 89 -7.95 -16.26 -14.95
CA ILE A 89 -6.98 -17.18 -14.37
C ILE A 89 -6.33 -17.99 -15.50
N PRO A 90 -7.03 -18.37 -16.57
CA PRO A 90 -6.37 -19.19 -17.58
C PRO A 90 -5.47 -18.40 -18.53
N MET A 91 -5.49 -17.07 -18.45
CA MET A 91 -4.59 -16.22 -19.21
C MET A 91 -3.26 -15.98 -18.49
N MET A 92 -3.08 -16.61 -17.32
CA MET A 92 -1.98 -16.42 -16.39
C MET A 92 -0.59 -16.63 -17.01
N ASN A 93 -0.46 -17.50 -18.01
CA ASN A 93 0.86 -17.87 -18.51
C ASN A 93 1.70 -16.61 -18.82
N VAL A 94 1.02 -15.49 -19.09
CA VAL A 94 1.74 -14.25 -19.30
C VAL A 94 2.44 -13.82 -18.02
N TYR A 95 1.85 -14.12 -16.88
CA TYR A 95 2.54 -13.89 -15.62
C TYR A 95 3.80 -14.78 -15.53
N LYS A 96 3.71 -16.02 -16.02
CA LYS A 96 4.87 -16.91 -16.03
C LYS A 96 6.00 -16.29 -16.84
N LEU A 97 5.66 -15.77 -18.02
CA LEU A 97 6.63 -15.21 -18.94
C LEU A 97 7.22 -13.95 -18.33
N PHE A 98 6.39 -13.14 -17.69
CA PHE A 98 6.90 -11.92 -17.10
C PHE A 98 7.85 -12.25 -15.95
N LEU A 99 7.35 -13.03 -14.97
CA LEU A 99 8.17 -13.55 -13.89
C LEU A 99 9.46 -14.13 -14.45
N GLY A 100 9.32 -14.94 -15.51
CA GLY A 100 10.44 -15.65 -16.08
C GLY A 100 11.52 -14.71 -16.58
N ASN A 101 11.15 -13.47 -16.90
CA ASN A 101 12.06 -12.54 -17.54
C ASN A 101 12.68 -11.62 -16.49
N SER A 102 12.32 -11.76 -15.22
CA SER A 102 12.68 -10.73 -14.27
C SER A 102 14.19 -10.60 -14.10
N ASP A 103 14.89 -11.74 -14.03
CA ASP A 103 16.34 -11.78 -13.96
C ASP A 103 16.99 -10.97 -15.09
N THR A 104 16.61 -11.28 -16.34
CA THR A 104 17.08 -10.55 -17.50
C THR A 104 16.70 -9.07 -17.44
N SER A 105 15.43 -8.78 -17.22
CA SER A 105 14.98 -7.40 -17.18
C SER A 105 15.89 -6.61 -16.24
N LEU A 106 16.12 -7.14 -15.05
CA LEU A 106 16.84 -6.40 -14.02
C LEU A 106 18.31 -6.28 -14.39
N GLN A 107 18.88 -7.32 -14.98
CA GLN A 107 20.26 -7.26 -15.42
C GLN A 107 20.45 -6.13 -16.43
N PHE A 108 19.50 -6.00 -17.36
CA PHE A 108 19.63 -4.96 -18.36
C PHE A 108 19.42 -3.58 -17.71
N LEU A 109 18.51 -3.46 -16.75
CA LEU A 109 18.30 -2.17 -16.08
C LEU A 109 19.59 -1.67 -15.40
N VAL A 110 20.26 -2.57 -14.71
CA VAL A 110 21.41 -2.25 -13.88
C VAL A 110 22.57 -1.86 -14.78
N GLU A 111 22.64 -2.47 -15.96
CA GLU A 111 23.64 -2.15 -16.98
C GLU A 111 23.36 -0.75 -17.53
N LEU A 112 22.10 -0.47 -17.84
CA LEU A 112 21.71 0.83 -18.35
C LEU A 112 22.04 1.89 -17.34
N GLU A 113 21.87 1.54 -16.05
CA GLU A 113 21.88 2.49 -14.95
C GLU A 113 23.30 2.84 -14.53
N LYS A 114 24.30 2.34 -15.27
CA LYS A 114 25.67 2.84 -15.12
C LYS A 114 25.78 4.23 -15.76
N SER A 115 25.03 4.45 -16.83
CA SER A 115 25.03 5.72 -17.52
C SER A 115 24.34 6.78 -16.65
N SER A 116 25.10 7.81 -16.32
CA SER A 116 24.59 9.00 -15.68
C SER A 116 23.50 9.67 -16.55
N LYS A 117 23.75 9.75 -17.88
CA LYS A 117 22.79 10.35 -18.79
C LYS A 117 21.48 9.59 -18.76
N PHE A 118 21.56 8.26 -18.69
CA PHE A 118 20.39 7.42 -18.67
C PHE A 118 19.54 7.73 -17.45
N ASN A 119 20.21 7.76 -16.29
CA ASN A 119 19.54 8.08 -15.03
C ASN A 119 18.84 9.43 -15.09
N ASP A 120 19.42 10.41 -15.76
CA ASP A 120 18.80 11.73 -15.84
C ASP A 120 17.53 11.68 -16.68
N ILE A 121 17.52 10.82 -17.71
CA ILE A 121 16.39 10.74 -18.60
C ILE A 121 15.24 10.17 -17.80
N LEU A 122 15.56 9.11 -17.06
CA LEU A 122 14.61 8.38 -16.24
C LEU A 122 14.02 9.33 -15.19
N ASP A 123 14.88 10.11 -14.51
CA ASP A 123 14.43 11.07 -13.53
C ASP A 123 13.59 12.15 -14.22
N LEU A 124 13.95 12.54 -15.44
CA LEU A 124 13.14 13.47 -16.19
C LEU A 124 11.75 12.88 -16.48
N LEU A 125 11.67 11.64 -16.98
CA LEU A 125 10.39 11.03 -17.31
C LEU A 125 9.49 10.93 -16.08
N ARG A 126 10.10 10.61 -14.94
CA ARG A 126 9.40 10.48 -13.68
C ARG A 126 8.78 11.80 -13.25
N SER A 127 9.53 12.90 -13.40
CA SER A 127 9.04 14.22 -13.10
C SER A 127 7.71 14.47 -13.80
N HIS A 128 7.48 13.79 -14.93
CA HIS A 128 6.26 13.97 -15.71
C HIS A 128 5.27 12.85 -15.49
N LEU A 129 5.64 11.83 -14.72
CA LEU A 129 4.66 10.87 -14.22
C LEU A 129 3.66 11.65 -13.35
N PRO A 130 2.34 11.46 -13.54
CA PRO A 130 1.31 12.20 -12.81
C PRO A 130 1.22 11.87 -11.32
N GLY A 131 0.74 12.84 -10.53
CA GLY A 131 0.31 12.59 -9.17
C GLY A 131 1.47 12.49 -8.18
N ASP A 132 1.14 12.74 -6.90
CA ASP A 132 2.10 12.72 -5.82
C ASP A 132 3.04 11.53 -5.96
N ASN A 133 2.46 10.32 -6.04
CA ASN A 133 3.24 9.09 -6.10
C ASN A 133 3.67 8.82 -7.55
N GLN A 134 4.56 9.68 -8.07
CA GLN A 134 5.30 9.39 -9.28
C GLN A 134 6.50 8.50 -8.93
N LEU A 135 6.32 7.19 -9.14
CA LEU A 135 7.28 6.19 -8.69
C LEU A 135 8.40 6.01 -9.73
N ASP A 136 9.52 5.47 -9.26
CA ASP A 136 10.61 5.05 -10.12
C ASP A 136 10.19 3.81 -10.91
N LEU A 137 11.05 3.43 -11.86
CA LEU A 137 10.79 2.34 -12.77
C LEU A 137 10.63 1.02 -12.00
N ARG A 138 11.61 0.64 -11.20
CA ARG A 138 11.55 -0.70 -10.59
C ARG A 138 10.29 -0.80 -9.75
N SER A 139 9.85 0.32 -9.20
CA SER A 139 8.63 0.31 -8.40
C SER A 139 7.40 -0.01 -9.26
N TYR A 140 7.48 0.17 -10.59
CA TYR A 140 6.43 -0.28 -11.49
C TYR A 140 6.67 -1.72 -11.93
N LEU A 141 7.90 -2.05 -12.30
CA LEU A 141 8.22 -3.35 -12.87
C LEU A 141 7.95 -4.47 -11.87
N ILE A 142 7.94 -4.15 -10.58
CA ILE A 142 7.84 -5.15 -9.54
C ILE A 142 6.39 -5.47 -9.25
N MET A 143 5.47 -4.61 -9.68
CA MET A 143 4.08 -4.67 -9.25
C MET A 143 3.39 -5.97 -9.65
N PRO A 144 3.62 -6.49 -10.88
CA PRO A 144 3.07 -7.79 -11.23
C PRO A 144 3.62 -8.86 -10.28
N VAL A 145 4.86 -8.70 -9.85
CA VAL A 145 5.47 -9.71 -9.00
C VAL A 145 4.80 -9.69 -7.64
N GLN A 146 4.31 -8.52 -7.24
CA GLN A 146 3.69 -8.37 -5.94
C GLN A 146 2.22 -8.76 -6.00
N ARG A 147 1.59 -8.61 -7.16
CA ARG A 147 0.16 -8.84 -7.27
C ARG A 147 -0.20 -10.25 -6.86
N LEU A 148 0.51 -11.23 -7.40
CA LEU A 148 0.16 -12.63 -7.21
C LEU A 148 -0.03 -12.95 -5.73
N PRO A 149 0.97 -12.69 -4.85
CA PRO A 149 0.80 -12.99 -3.44
C PRO A 149 -0.42 -12.33 -2.82
N ARG A 150 -0.80 -11.13 -3.29
CA ARG A 150 -1.94 -10.42 -2.73
C ARG A 150 -3.24 -11.12 -3.10
N TYR A 151 -3.32 -11.57 -4.36
CA TYR A 151 -4.44 -12.39 -4.79
C TYR A 151 -4.58 -13.59 -3.85
N LYS A 152 -3.47 -14.29 -3.61
CA LYS A 152 -3.46 -15.47 -2.78
C LYS A 152 -4.01 -15.08 -1.42
N LEU A 153 -3.43 -14.02 -0.84
CA LEU A 153 -3.87 -13.54 0.46
C LEU A 153 -5.37 -13.31 0.44
N LEU A 154 -5.79 -12.40 -0.45
CA LEU A 154 -7.16 -11.91 -0.50
C LEU A 154 -8.15 -13.05 -0.76
N LEU A 155 -7.83 -13.96 -1.69
CA LEU A 155 -8.72 -15.06 -2.00
C LEU A 155 -8.78 -16.06 -0.85
N THR A 156 -7.66 -16.27 -0.16
CA THR A 156 -7.69 -17.22 0.94
C THR A 156 -8.67 -16.70 1.98
N ASP A 157 -8.54 -15.42 2.32
CA ASP A 157 -9.38 -14.81 3.33
C ASP A 157 -10.84 -14.75 2.88
N LEU A 158 -11.09 -14.58 1.58
CA LEU A 158 -12.44 -14.46 1.07
C LEU A 158 -13.13 -15.83 1.10
N ILE A 159 -12.42 -16.89 0.71
CA ILE A 159 -12.97 -18.24 0.72
C ILE A 159 -13.36 -18.60 2.17
N LYS A 160 -12.41 -18.47 3.08
CA LYS A 160 -12.62 -18.76 4.50
C LYS A 160 -13.92 -18.10 4.96
N HIS A 161 -14.31 -16.99 4.34
CA HIS A 161 -15.45 -16.21 4.75
C HIS A 161 -16.61 -16.32 3.77
N THR A 162 -16.64 -17.41 3.02
CA THR A 162 -17.69 -17.61 2.04
C THR A 162 -18.31 -18.96 2.32
N ASP A 163 -19.61 -18.93 2.68
CA ASP A 163 -20.28 -20.18 3.04
C ASP A 163 -20.67 -20.87 1.75
N ASP A 164 -20.99 -22.16 1.87
CA ASP A 164 -21.19 -23.04 0.73
C ASP A 164 -22.46 -22.67 -0.04
N ASP A 165 -23.32 -21.82 0.53
CA ASP A 165 -24.56 -21.41 -0.12
C ASP A 165 -24.30 -20.37 -1.22
N PHE A 166 -23.13 -19.71 -1.18
CA PHE A 166 -22.61 -18.93 -2.30
C PHE A 166 -22.32 -19.87 -3.48
N VAL A 167 -22.90 -19.53 -4.65
CA VAL A 167 -22.77 -20.33 -5.85
C VAL A 167 -21.39 -20.07 -6.45
N ASP A 168 -20.82 -18.91 -6.10
CA ASP A 168 -19.55 -18.43 -6.62
C ASP A 168 -18.36 -19.10 -5.94
N LYS A 169 -18.59 -19.85 -4.85
CA LYS A 169 -17.48 -20.32 -4.03
C LYS A 169 -16.52 -21.19 -4.83
N PRO A 170 -17.01 -22.19 -5.60
CA PRO A 170 -16.09 -23.04 -6.37
C PRO A 170 -15.22 -22.22 -7.31
N LYS A 171 -15.81 -21.21 -7.95
CA LYS A 171 -15.08 -20.28 -8.82
C LYS A 171 -13.92 -19.59 -8.08
N LEU A 172 -14.14 -19.15 -6.83
CA LEU A 172 -13.03 -18.64 -6.03
C LEU A 172 -12.00 -19.73 -5.74
N ILE A 173 -12.44 -20.98 -5.53
CA ILE A 173 -11.49 -22.04 -5.18
C ILE A 173 -10.59 -22.37 -6.37
N ASP A 174 -11.20 -22.57 -7.54
CA ASP A 174 -10.46 -22.72 -8.78
C ASP A 174 -9.37 -21.65 -8.87
N ALA A 175 -9.76 -20.39 -8.72
CA ALA A 175 -8.85 -19.29 -8.88
C ALA A 175 -7.67 -19.42 -7.91
N LEU A 176 -7.95 -19.61 -6.62
CA LEU A 176 -6.87 -19.71 -5.66
C LEU A 176 -5.96 -20.87 -6.05
N ASP A 177 -6.54 -21.99 -6.51
CA ASP A 177 -5.73 -23.14 -6.87
C ASP A 177 -4.71 -22.78 -7.96
N LYS A 178 -5.15 -22.06 -9.01
CA LYS A 178 -4.29 -21.82 -10.16
C LYS A 178 -3.33 -20.66 -9.88
N ILE A 179 -3.80 -19.66 -9.14
CA ILE A 179 -2.97 -18.52 -8.81
C ILE A 179 -1.86 -19.00 -7.88
N SER A 180 -2.21 -19.85 -6.92
CA SER A 180 -1.23 -20.53 -6.08
C SER A 180 -0.10 -21.15 -6.91
N LYS A 181 -0.43 -21.74 -8.05
CA LYS A 181 0.59 -22.40 -8.84
C LYS A 181 1.68 -21.41 -9.24
N LEU A 182 1.27 -20.19 -9.63
CA LEU A 182 2.21 -19.21 -10.14
C LEU A 182 2.95 -18.54 -8.98
N ALA A 183 2.29 -18.41 -7.82
CA ALA A 183 2.86 -17.74 -6.67
C ALA A 183 4.02 -18.56 -6.06
N THR A 184 4.15 -19.83 -6.48
CA THR A 184 5.30 -20.65 -6.14
C THR A 184 6.63 -20.05 -6.61
N LEU A 185 6.57 -19.23 -7.67
CA LEU A 185 7.73 -18.74 -8.39
C LEU A 185 8.23 -17.41 -7.80
N VAL A 186 7.62 -16.92 -6.70
CA VAL A 186 7.85 -15.57 -6.23
C VAL A 186 8.92 -15.57 -5.14
N ASN A 187 10.11 -15.05 -5.49
CA ASN A 187 11.24 -15.01 -4.58
C ASN A 187 11.95 -13.66 -4.68
N GLU A 188 13.15 -13.59 -4.09
CA GLU A 188 13.89 -12.36 -3.90
C GLU A 188 15.22 -12.42 -4.66
N VAL A 189 15.83 -11.25 -4.85
CA VAL A 189 17.01 -11.11 -5.69
C VAL A 189 17.95 -10.12 -5.00
N ILE A 190 19.24 -10.12 -5.40
CA ILE A 190 20.35 -9.69 -4.56
C ILE A 190 20.69 -8.22 -4.85
N LYS A 191 21.08 -7.47 -3.81
CA LYS A 191 21.78 -6.20 -4.00
C LYS A 191 23.28 -6.44 -3.90
N GLU A 192 23.83 -7.10 -4.93
CA GLU A 192 25.21 -7.55 -4.98
C GLU A 192 26.13 -6.36 -5.18
N ARG A 193 27.44 -6.62 -5.17
CA ARG A 193 28.46 -5.66 -5.54
C ARG A 193 28.64 -4.68 -4.37
N LYS B 1 25.55 1.46 -1.99
CA LYS B 1 25.58 2.38 -3.16
C LYS B 1 24.61 3.53 -2.92
N GLU B 2 25.02 4.70 -3.41
CA GLU B 2 24.36 5.96 -3.14
C GLU B 2 22.93 5.92 -3.63
N ASP B 3 22.70 5.29 -4.79
CA ASP B 3 21.43 5.44 -5.49
C ASP B 3 20.40 4.46 -4.91
N TYR B 4 20.84 3.33 -4.36
CA TYR B 4 19.95 2.45 -3.63
C TYR B 4 19.47 3.17 -2.38
N ARG B 5 20.42 3.84 -1.72
CA ARG B 5 20.16 4.57 -0.48
C ARG B 5 19.13 5.66 -0.75
N GLU B 6 19.35 6.43 -1.80
CA GLU B 6 18.46 7.50 -2.18
C GLU B 6 17.03 6.96 -2.26
N ARG B 7 16.84 5.79 -2.85
CA ARG B 7 15.52 5.20 -3.01
C ARG B 7 14.83 5.05 -1.65
N ILE B 8 15.50 4.41 -0.68
CA ILE B 8 14.95 4.21 0.66
C ILE B 8 14.56 5.56 1.25
N VAL B 9 15.46 6.52 1.22
CA VAL B 9 15.16 7.86 1.71
C VAL B 9 13.86 8.33 1.06
N ASN B 10 13.76 8.24 -0.27
CA ASN B 10 12.58 8.70 -0.99
C ASN B 10 11.32 7.91 -0.60
N GLU B 11 11.46 6.61 -0.34
CA GLU B 11 10.32 5.79 0.04
C GLU B 11 9.79 6.25 1.38
N MET B 12 10.71 6.52 2.33
CA MET B 12 10.29 6.94 3.66
C MET B 12 9.52 8.26 3.52
N PHE B 13 10.10 9.20 2.78
CA PHE B 13 9.47 10.48 2.56
C PHE B 13 8.11 10.32 1.89
N ASP B 14 8.04 9.47 0.86
CA ASP B 14 6.83 9.36 0.06
C ASP B 14 5.73 8.63 0.84
N THR B 15 6.12 7.64 1.67
CA THR B 15 5.15 6.95 2.50
C THR B 15 4.76 7.79 3.71
N GLU B 16 5.57 8.77 4.12
CA GLU B 16 5.21 9.65 5.22
C GLU B 16 4.15 10.65 4.76
N LYS B 17 4.43 11.35 3.65
CA LYS B 17 3.48 12.28 3.05
C LYS B 17 2.17 11.56 2.84
N SER B 18 2.23 10.35 2.30
CA SER B 18 1.04 9.57 2.05
C SER B 18 0.29 9.37 3.36
N TYR B 19 1.06 9.01 4.40
CA TYR B 19 0.54 8.59 5.68
C TYR B 19 -0.12 9.77 6.37
N VAL B 20 0.60 10.90 6.48
CA VAL B 20 0.01 12.07 7.10
C VAL B 20 -1.21 12.52 6.30
N ASN B 21 -1.14 12.52 4.96
CA ASN B 21 -2.26 12.97 4.16
C ASN B 21 -3.48 12.09 4.43
N SER B 22 -3.29 10.76 4.47
CA SER B 22 -4.40 9.85 4.73
C SER B 22 -5.04 10.20 6.06
N MET B 23 -4.17 10.48 7.06
CA MET B 23 -4.61 10.69 8.42
C MET B 23 -5.48 11.94 8.49
N GLU B 24 -5.11 12.99 7.75
CA GLU B 24 -5.87 14.22 7.78
C GLU B 24 -7.23 13.97 7.15
N ILE B 25 -7.33 13.00 6.23
CA ILE B 25 -8.55 12.74 5.49
C ILE B 25 -9.53 11.96 6.36
N CYS B 26 -9.01 11.20 7.31
CA CYS B 26 -9.82 10.45 8.24
C CYS B 26 -10.35 11.37 9.33
N ILE B 27 -9.56 12.37 9.72
CA ILE B 27 -10.05 13.34 10.70
C ILE B 27 -11.11 14.22 10.06
N LYS B 28 -10.74 14.80 8.91
CA LYS B 28 -11.60 15.74 8.22
C LYS B 28 -12.85 14.99 7.75
N GLY B 29 -12.68 13.73 7.31
CA GLY B 29 -13.69 12.99 6.58
C GLY B 29 -14.64 12.15 7.45
N TYR B 30 -14.13 11.63 8.57
CA TYR B 30 -14.90 10.74 9.42
C TYR B 30 -15.14 11.37 10.80
N TYR B 31 -14.04 11.65 11.50
CA TYR B 31 -14.11 12.09 12.87
C TYR B 31 -14.92 13.38 12.99
N GLU B 32 -14.55 14.40 12.23
CA GLU B 32 -15.22 15.68 12.38
C GLU B 32 -16.71 15.58 12.07
N PRO B 33 -17.15 14.95 10.97
CA PRO B 33 -18.58 14.75 10.73
C PRO B 33 -19.36 14.06 11.84
N LEU B 34 -18.76 13.00 12.39
CA LEU B 34 -19.38 12.30 13.49
C LEU B 34 -19.56 13.21 14.71
N ILE B 35 -18.55 14.02 15.04
CA ILE B 35 -18.64 14.88 16.22
C ILE B 35 -19.58 16.07 16.00
N GLN B 36 -19.74 16.53 14.74
CA GLN B 36 -20.69 17.59 14.43
C GLN B 36 -22.11 17.02 14.38
N SER B 37 -22.32 15.82 13.80
CA SER B 37 -23.65 15.41 13.38
C SER B 37 -23.81 13.89 13.23
N GLY B 38 -25.00 13.47 12.76
CA GLY B 38 -25.41 12.07 12.74
C GLY B 38 -25.56 11.53 14.16
N HIS B 39 -25.89 12.40 15.12
CA HIS B 39 -25.59 12.20 16.53
C HIS B 39 -26.12 10.88 17.08
N SER B 40 -27.30 10.45 16.62
CA SER B 40 -28.17 9.51 17.33
C SER B 40 -27.51 8.15 17.59
N VAL B 41 -26.99 7.51 16.55
CA VAL B 41 -26.36 6.20 16.68
C VAL B 41 -24.85 6.32 16.88
N ALA B 42 -24.33 7.56 16.92
CA ALA B 42 -22.91 7.83 17.04
C ALA B 42 -22.64 8.86 18.13
N PRO B 43 -22.83 8.51 19.44
CA PRO B 43 -22.55 9.41 20.54
C PRO B 43 -21.08 9.80 20.58
N ALA B 44 -20.84 11.07 20.94
CA ALA B 44 -19.53 11.70 20.99
C ALA B 44 -18.56 10.83 21.78
N ASP B 45 -19.03 10.27 22.89
CA ASP B 45 -18.13 9.52 23.76
C ASP B 45 -17.67 8.27 23.04
N LYS B 46 -18.60 7.58 22.38
CA LYS B 46 -18.28 6.42 21.56
C LYS B 46 -17.30 6.83 20.46
N VAL B 47 -17.64 7.85 19.67
CA VAL B 47 -16.74 8.32 18.63
C VAL B 47 -15.37 8.69 19.21
N ASN B 48 -15.32 9.42 20.33
CA ASN B 48 -14.06 9.90 20.82
C ASN B 48 -13.24 8.73 21.33
N ALA B 49 -13.86 7.72 21.94
CA ALA B 49 -13.08 6.59 22.44
C ALA B 49 -12.48 5.86 21.25
N VAL B 50 -13.20 5.87 20.13
CA VAL B 50 -12.72 5.27 18.90
C VAL B 50 -11.47 5.99 18.37
N PHE B 51 -11.51 7.33 18.36
CA PHE B 51 -10.45 8.09 17.71
C PHE B 51 -9.38 8.56 18.70
N LEU B 52 -9.50 8.16 19.95
CA LEU B 52 -8.66 8.72 20.98
C LEU B 52 -7.19 8.52 20.62
N HIS B 53 -6.39 9.60 20.69
CA HIS B 53 -4.95 9.60 20.48
C HIS B 53 -4.58 9.59 19.01
N PHE B 54 -5.48 10.00 18.12
CA PHE B 54 -5.22 9.86 16.69
C PHE B 54 -4.71 11.20 16.16
N GLN B 55 -5.43 12.27 16.49
CA GLN B 55 -4.95 13.62 16.21
C GLN B 55 -3.54 13.79 16.78
N SER B 56 -3.25 13.14 17.91
CA SER B 56 -1.97 13.24 18.58
C SER B 56 -0.88 12.64 17.72
N VAL B 57 -1.19 11.55 17.04
CA VAL B 57 -0.24 10.92 16.13
C VAL B 57 -0.11 11.77 14.88
N LEU B 58 -1.23 12.19 14.29
CA LEU B 58 -1.18 13.08 13.16
C LEU B 58 -0.26 14.26 13.49
N SER B 59 -0.41 14.84 14.68
CA SER B 59 0.33 16.04 15.03
C SER B 59 1.85 15.84 14.88
N ILE B 60 2.39 14.80 15.52
CA ILE B 60 3.83 14.64 15.58
C ILE B 60 4.39 14.19 14.24
N ASN B 61 3.60 13.42 13.50
CA ASN B 61 3.94 13.00 12.14
C ASN B 61 3.88 14.17 11.17
N LYS B 62 2.90 15.05 11.30
CA LYS B 62 2.87 16.24 10.45
C LYS B 62 4.12 17.11 10.66
N GLU B 63 4.60 17.24 11.91
CA GLU B 63 5.83 18.00 12.17
C GLU B 63 7.04 17.28 11.58
N LEU B 64 7.05 15.95 11.61
CA LEU B 64 8.15 15.19 11.05
C LEU B 64 8.20 15.42 9.55
N LEU B 65 7.03 15.40 8.91
CA LEU B 65 6.91 15.64 7.47
C LEU B 65 7.36 17.07 7.14
N LYS B 66 6.96 18.03 7.98
CA LYS B 66 7.37 19.41 7.80
C LYS B 66 8.89 19.46 7.67
N ASN B 67 9.58 18.90 8.64
CA ASN B 67 11.03 19.03 8.69
C ASN B 67 11.66 18.25 7.53
N MET B 68 11.05 17.13 7.19
CA MET B 68 11.51 16.34 6.05
C MET B 68 11.33 17.16 4.79
N THR B 69 10.20 17.89 4.71
CA THR B 69 9.93 18.68 3.53
C THR B 69 10.91 19.86 3.47
N GLU B 70 11.19 20.47 4.63
CA GLU B 70 12.13 21.58 4.69
C GLU B 70 13.46 21.13 4.11
N LEU B 71 13.96 19.97 4.52
CA LEU B 71 15.25 19.46 4.06
C LEU B 71 15.20 19.11 2.56
N LYS B 72 14.11 18.51 2.09
CA LYS B 72 14.07 18.04 0.72
C LYS B 72 14.20 19.21 -0.27
N GLU B 73 13.40 20.27 -0.07
CA GLU B 73 13.40 21.43 -0.94
C GLU B 73 14.76 22.12 -0.89
N LYS B 74 15.52 21.93 0.19
CA LYS B 74 16.88 22.44 0.29
C LYS B 74 17.88 21.45 -0.32
N GLY B 75 17.40 20.28 -0.79
CA GLY B 75 18.25 19.25 -1.36
C GLY B 75 19.27 18.68 -0.36
N GLU B 76 18.82 18.44 0.88
CA GLU B 76 19.69 17.99 1.95
C GLU B 76 19.03 16.92 2.81
N LEU B 77 18.04 16.18 2.28
CA LEU B 77 17.29 15.21 3.06
C LEU B 77 18.07 13.90 3.25
N SER B 78 18.66 13.39 2.18
CA SER B 78 19.51 12.21 2.25
C SER B 78 20.53 12.31 3.37
N THR B 79 21.01 13.52 3.64
CA THR B 79 22.18 13.67 4.51
C THR B 79 21.79 14.11 5.93
N ARG B 80 20.53 14.53 6.16
CA ARG B 80 20.16 15.07 7.47
C ARG B 80 18.80 14.52 7.95
N LEU B 81 18.35 13.43 7.31
CA LEU B 81 17.06 12.85 7.62
C LEU B 81 16.94 12.51 9.10
N GLY B 82 18.03 12.03 9.72
CA GLY B 82 18.03 11.66 11.12
C GLY B 82 17.91 12.87 12.04
N GLU B 83 18.26 14.05 11.52
CA GLU B 83 17.90 15.32 12.15
C GLU B 83 16.38 15.42 12.32
N ALA B 84 15.59 15.13 11.28
CA ALA B 84 14.14 15.22 11.37
C ALA B 84 13.59 14.25 12.42
N PHE B 85 14.19 13.07 12.49
CA PHE B 85 13.74 12.03 13.39
C PHE B 85 14.03 12.38 14.85
N SER B 86 15.01 13.23 15.11
CA SER B 86 15.42 13.47 16.48
C SER B 86 14.37 14.28 17.21
N GLN B 87 13.58 15.08 16.48
CA GLN B 87 12.45 15.77 17.10
C GLN B 87 11.31 14.78 17.28
N PHE B 88 11.18 13.85 16.33
CA PHE B 88 10.04 12.95 16.29
C PHE B 88 10.14 11.87 17.35
N ILE B 89 11.29 11.17 17.40
CA ILE B 89 11.39 9.91 18.12
C ILE B 89 10.97 10.14 19.57
N PRO B 90 11.32 11.25 20.23
CA PRO B 90 11.00 11.37 21.65
C PRO B 90 9.54 11.75 21.89
N MET B 91 8.78 12.06 20.82
CA MET B 91 7.35 12.31 20.94
C MET B 91 6.52 11.02 20.84
N MET B 92 7.19 9.86 20.70
CA MET B 92 6.62 8.56 20.37
C MET B 92 5.57 8.08 21.37
N ASN B 93 5.64 8.47 22.64
CA ASN B 93 4.74 7.94 23.66
C ASN B 93 3.28 8.06 23.21
N VAL B 94 3.03 9.02 22.33
CA VAL B 94 1.77 9.21 21.65
C VAL B 94 1.35 7.92 20.93
N TYR B 95 2.32 7.31 20.27
CA TYR B 95 2.08 6.03 19.62
C TYR B 95 1.73 4.97 20.65
N LYS B 96 2.37 4.99 21.83
CA LYS B 96 2.05 4.03 22.89
C LYS B 96 0.58 4.14 23.30
N LEU B 97 0.14 5.40 23.48
CA LEU B 97 -1.23 5.67 23.91
C LEU B 97 -2.19 5.25 22.82
N PHE B 98 -1.84 5.53 21.58
CA PHE B 98 -2.73 5.14 20.50
C PHE B 98 -2.85 3.61 20.43
N LEU B 99 -1.71 2.94 20.28
CA LEU B 99 -1.65 1.49 20.35
C LEU B 99 -2.44 0.97 21.54
N GLY B 100 -2.22 1.60 22.67
CA GLY B 100 -2.81 1.14 23.91
C GLY B 100 -4.34 1.22 23.89
N ASN B 101 -4.89 2.02 22.99
CA ASN B 101 -6.32 2.21 22.94
C ASN B 101 -6.91 1.31 21.85
N SER B 102 -6.11 0.57 21.09
CA SER B 102 -6.67 -0.04 19.89
C SER B 102 -7.75 -1.08 20.20
N ASP B 103 -7.53 -1.90 21.24
CA ASP B 103 -8.48 -2.90 21.68
C ASP B 103 -9.83 -2.26 22.00
N THR B 104 -9.81 -1.21 22.84
CA THR B 104 -10.99 -0.43 23.16
C THR B 104 -11.61 0.21 21.92
N SER B 105 -10.81 0.93 21.14
CA SER B 105 -11.31 1.61 19.96
C SER B 105 -12.10 0.62 19.12
N LEU B 106 -11.54 -0.57 18.89
CA LEU B 106 -12.17 -1.54 18.01
C LEU B 106 -13.43 -2.11 18.65
N GLN B 107 -13.41 -2.32 19.96
CA GLN B 107 -14.58 -2.82 20.65
C GLN B 107 -15.74 -1.82 20.49
N PHE B 108 -15.44 -0.52 20.58
CA PHE B 108 -16.49 0.46 20.42
C PHE B 108 -16.96 0.52 18.97
N LEU B 109 -16.05 0.37 17.98
CA LEU B 109 -16.46 0.42 16.58
C LEU B 109 -17.47 -0.69 16.27
N VAL B 110 -17.15 -1.89 16.74
CA VAL B 110 -17.90 -3.10 16.44
C VAL B 110 -19.26 -3.01 17.09
N GLU B 111 -19.34 -2.36 18.27
CA GLU B 111 -20.60 -2.14 18.96
C GLU B 111 -21.45 -1.14 18.15
N LEU B 112 -20.83 -0.05 17.71
CA LEU B 112 -21.53 0.92 16.89
C LEU B 112 -22.05 0.26 15.63
N GLU B 113 -21.28 -0.69 15.09
CA GLU B 113 -21.48 -1.24 13.76
C GLU B 113 -22.55 -2.32 13.77
N LYS B 114 -23.21 -2.52 14.90
CA LYS B 114 -24.42 -3.34 14.93
C LYS B 114 -25.57 -2.55 14.32
N SER B 115 -25.55 -1.23 14.52
CA SER B 115 -26.57 -0.35 13.97
C SER B 115 -26.42 -0.29 12.45
N SER B 116 -27.49 -0.70 11.76
CA SER B 116 -27.60 -0.57 10.32
C SER B 116 -27.54 0.91 9.91
N LYS B 117 -28.23 1.78 10.66
CA LYS B 117 -28.24 3.20 10.40
C LYS B 117 -26.82 3.76 10.49
N PHE B 118 -26.07 3.30 11.49
CA PHE B 118 -24.72 3.78 11.70
C PHE B 118 -23.85 3.44 10.49
N ASN B 119 -23.93 2.17 10.07
CA ASN B 119 -23.19 1.71 8.90
C ASN B 119 -23.49 2.57 7.67
N ASP B 120 -24.74 2.99 7.49
CA ASP B 120 -25.10 3.78 6.32
C ASP B 120 -24.45 5.17 6.38
N ILE B 121 -24.33 5.71 7.59
CA ILE B 121 -23.78 7.03 7.78
C ILE B 121 -22.31 6.96 7.38
N LEU B 122 -21.64 5.89 7.87
CA LEU B 122 -20.23 5.66 7.62
C LEU B 122 -20.00 5.50 6.11
N ASP B 123 -20.83 4.70 5.45
CA ASP B 123 -20.75 4.50 4.00
C ASP B 123 -20.99 5.84 3.31
N LEU B 124 -21.92 6.63 3.83
CA LEU B 124 -22.17 7.94 3.28
C LEU B 124 -20.94 8.84 3.42
N LEU B 125 -20.32 8.91 4.61
CA LEU B 125 -19.16 9.77 4.83
C LEU B 125 -17.98 9.38 3.93
N ARG B 126 -17.83 8.06 3.71
CA ARG B 126 -16.80 7.52 2.84
C ARG B 126 -16.96 8.03 1.41
N SER B 127 -18.21 7.98 0.93
CA SER B 127 -18.52 8.38 -0.44
C SER B 127 -18.14 9.85 -0.64
N HIS B 128 -17.89 10.60 0.45
CA HIS B 128 -17.47 11.99 0.33
C HIS B 128 -15.98 12.18 0.48
N LEU B 129 -15.25 11.11 0.79
CA LEU B 129 -13.81 11.20 0.86
C LEU B 129 -13.21 11.51 -0.52
N PRO B 130 -12.15 12.35 -0.60
CA PRO B 130 -11.50 12.66 -1.88
C PRO B 130 -10.69 11.50 -2.47
N GLY B 131 -10.43 11.58 -3.79
CA GLY B 131 -9.55 10.63 -4.45
C GLY B 131 -10.28 9.33 -4.79
N ASP B 132 -9.54 8.38 -5.34
CA ASP B 132 -10.06 7.08 -5.73
C ASP B 132 -9.93 6.13 -4.54
N ASN B 133 -8.83 6.31 -3.77
CA ASN B 133 -8.64 5.67 -2.48
C ASN B 133 -9.52 6.34 -1.43
N GLN B 134 -10.80 5.95 -1.45
CA GLN B 134 -11.71 6.24 -0.35
C GLN B 134 -11.76 5.03 0.57
N LEU B 135 -10.92 4.99 1.60
CA LEU B 135 -10.87 3.82 2.46
C LEU B 135 -11.95 3.87 3.54
N ASP B 136 -12.30 2.69 4.04
CA ASP B 136 -13.15 2.58 5.22
C ASP B 136 -12.36 3.03 6.45
N LEU B 137 -13.08 3.12 7.57
CA LEU B 137 -12.54 3.64 8.81
C LEU B 137 -11.39 2.76 9.29
N ARG B 138 -11.62 1.45 9.47
CA ARG B 138 -10.60 0.55 10.00
C ARG B 138 -9.28 0.75 9.26
N SER B 139 -9.43 0.94 7.95
CA SER B 139 -8.29 1.07 7.08
C SER B 139 -7.50 2.36 7.37
N TYR B 140 -8.13 3.35 8.02
CA TYR B 140 -7.42 4.52 8.51
C TYR B 140 -6.89 4.29 9.93
N LEU B 141 -7.70 3.74 10.83
CA LEU B 141 -7.32 3.61 12.22
C LEU B 141 -6.11 2.69 12.39
N ILE B 142 -5.86 1.82 11.41
CA ILE B 142 -4.82 0.81 11.50
C ILE B 142 -3.50 1.39 11.07
N MET B 143 -3.52 2.53 10.36
CA MET B 143 -2.34 3.03 9.69
C MET B 143 -1.23 3.38 10.66
N PRO B 144 -1.51 4.01 11.81
CA PRO B 144 -0.46 4.26 12.79
C PRO B 144 0.13 2.94 13.25
N VAL B 145 -0.71 1.91 13.33
CA VAL B 145 -0.24 0.64 13.83
C VAL B 145 0.71 0.06 12.80
N GLN B 146 0.45 0.35 11.51
CA GLN B 146 1.26 -0.20 10.43
C GLN B 146 2.54 0.60 10.23
N ARG B 147 2.51 1.89 10.55
CA ARG B 147 3.64 2.76 10.28
C ARG B 147 4.90 2.24 10.97
N LEU B 148 4.78 1.92 12.26
CA LEU B 148 5.96 1.62 13.07
C LEU B 148 6.79 0.52 12.43
N PRO B 149 6.21 -0.65 12.08
CA PRO B 149 7.01 -1.73 11.49
C PRO B 149 7.67 -1.30 10.19
N ARG B 150 7.05 -0.39 9.46
CA ARG B 150 7.59 0.10 8.20
C ARG B 150 8.83 0.96 8.46
N TYR B 151 8.76 1.82 9.49
CA TYR B 151 9.90 2.58 9.93
C TYR B 151 11.05 1.61 10.22
N LYS B 152 10.76 0.56 10.99
CA LYS B 152 11.77 -0.41 11.37
C LYS B 152 12.41 -0.94 10.11
N LEU B 153 11.55 -1.40 9.19
CA LEU B 153 12.01 -1.95 7.94
C LEU B 153 12.91 -0.94 7.25
N LEU B 154 12.34 0.23 6.93
CA LEU B 154 12.98 1.27 6.13
C LEU B 154 14.32 1.69 6.74
N LEU B 155 14.33 1.90 8.06
CA LEU B 155 15.54 2.38 8.71
C LEU B 155 16.60 1.28 8.77
N THR B 156 16.17 0.02 8.91
CA THR B 156 17.15 -1.03 8.96
C THR B 156 17.89 -1.05 7.63
N ASP B 157 17.15 -1.02 6.52
CA ASP B 157 17.75 -1.10 5.20
C ASP B 157 18.59 0.15 4.92
N LEU B 158 18.20 1.30 5.45
CA LEU B 158 18.93 2.53 5.21
C LEU B 158 20.26 2.52 5.98
N ILE B 159 20.25 2.08 7.23
CA ILE B 159 21.46 2.02 8.01
C ILE B 159 22.48 1.07 7.36
N LYS B 160 22.02 -0.15 7.05
CA LYS B 160 22.85 -1.16 6.38
C LYS B 160 23.56 -0.53 5.18
N HIS B 161 22.95 0.49 4.58
CA HIS B 161 23.47 1.11 3.38
C HIS B 161 24.00 2.50 3.66
N THR B 162 24.43 2.74 4.90
CA THR B 162 24.96 4.04 5.27
C THR B 162 26.32 3.86 5.91
N ASP B 163 27.35 4.45 5.25
CA ASP B 163 28.74 4.39 5.67
C ASP B 163 28.91 5.20 6.94
N ASP B 164 29.96 4.91 7.71
CA ASP B 164 30.23 5.61 8.97
C ASP B 164 30.65 7.04 8.72
N ASP B 165 31.02 7.37 7.46
CA ASP B 165 31.48 8.72 7.13
C ASP B 165 30.29 9.69 7.02
N PHE B 166 29.06 9.16 6.84
CA PHE B 166 27.83 9.93 7.05
C PHE B 166 27.73 10.34 8.52
N VAL B 167 27.57 11.65 8.77
CA VAL B 167 27.53 12.20 10.12
C VAL B 167 26.18 11.86 10.75
N ASP B 168 25.19 11.67 9.87
CA ASP B 168 23.80 11.41 10.23
C ASP B 168 23.58 9.99 10.77
N LYS B 169 24.56 9.09 10.64
CA LYS B 169 24.30 7.69 10.83
C LYS B 169 23.87 7.41 12.27
N PRO B 170 24.56 7.93 13.30
CA PRO B 170 24.14 7.71 14.68
C PRO B 170 22.69 8.14 14.94
N LYS B 171 22.30 9.28 14.36
CA LYS B 171 20.93 9.76 14.43
C LYS B 171 19.92 8.75 13.89
N LEU B 172 20.25 8.07 12.77
CA LEU B 172 19.41 6.99 12.27
C LEU B 172 19.41 5.82 13.25
N ILE B 173 20.54 5.54 13.90
CA ILE B 173 20.62 4.38 14.79
C ILE B 173 19.77 4.61 16.03
N ASP B 174 19.90 5.77 16.67
CA ASP B 174 19.05 6.18 17.76
C ASP B 174 17.59 5.92 17.39
N ALA B 175 17.18 6.41 16.21
CA ALA B 175 15.79 6.31 15.80
C ALA B 175 15.36 4.85 15.74
N LEU B 176 16.13 4.03 15.03
CA LEU B 176 15.76 2.63 14.91
C LEU B 176 15.69 2.00 16.32
N ASP B 177 16.60 2.38 17.22
CA ASP B 177 16.59 1.82 18.57
C ASP B 177 15.27 2.09 19.26
N LYS B 178 14.76 3.32 19.19
CA LYS B 178 13.59 3.70 19.96
C LYS B 178 12.32 3.24 19.25
N ILE B 179 12.31 3.29 17.91
CA ILE B 179 11.15 2.86 17.16
C ILE B 179 10.98 1.36 17.37
N SER B 180 12.09 0.63 17.31
CA SER B 180 12.05 -0.80 17.54
C SER B 180 11.44 -1.10 18.91
N LYS B 181 11.64 -0.23 19.91
CA LYS B 181 11.09 -0.47 21.22
C LYS B 181 9.56 -0.60 21.18
N LEU B 182 8.88 -0.23 20.08
CA LEU B 182 7.43 -0.40 20.02
C LEU B 182 7.06 -1.62 19.19
N ALA B 183 7.69 -2.75 19.53
CA ALA B 183 7.47 -4.05 18.89
C ALA B 183 6.19 -4.71 19.41
N THR B 184 5.46 -4.02 20.31
CA THR B 184 4.18 -4.49 20.82
C THR B 184 3.07 -4.40 19.76
N LEU B 185 3.36 -3.85 18.57
CA LEU B 185 2.39 -3.79 17.47
C LEU B 185 1.85 -5.20 17.18
N VAL B 186 2.70 -6.20 17.37
CA VAL B 186 2.34 -7.58 17.07
C VAL B 186 1.23 -8.02 18.02
N ASN B 187 1.39 -7.66 19.30
CA ASN B 187 0.37 -7.92 20.31
C ASN B 187 -0.92 -7.23 19.88
N GLU B 188 -0.80 -6.00 19.33
CA GLU B 188 -1.96 -5.21 18.94
C GLU B 188 -2.63 -5.84 17.73
N VAL B 189 -1.85 -6.22 16.72
CA VAL B 189 -2.37 -6.89 15.54
C VAL B 189 -3.13 -8.15 15.98
N ILE B 190 -2.52 -8.96 16.84
CA ILE B 190 -3.13 -10.19 17.31
C ILE B 190 -4.50 -9.89 17.92
N LYS B 191 -4.56 -8.92 18.83
CA LYS B 191 -5.76 -8.71 19.64
C LYS B 191 -6.87 -8.13 18.76
N GLU B 192 -6.51 -7.32 17.75
CA GLU B 192 -7.46 -6.78 16.77
C GLU B 192 -8.04 -7.92 15.92
N ARG B 193 -7.19 -8.89 15.56
CA ARG B 193 -7.61 -10.06 14.80
C ARG B 193 -8.73 -10.79 15.55
N SER B 194 -8.44 -11.14 16.82
CA SER B 194 -9.34 -11.95 17.63
C SER B 194 -10.71 -11.30 17.70
N ARG B 195 -10.74 -9.99 18.01
CA ARG B 195 -11.98 -9.26 18.24
C ARG B 195 -12.81 -9.25 16.95
N ASN B 196 -12.15 -9.03 15.81
CA ASN B 196 -12.80 -8.95 14.50
C ASN B 196 -13.41 -10.30 14.10
N GLN B 197 -12.89 -11.39 14.65
CA GLN B 197 -13.32 -12.68 14.18
C GLN B 197 -14.01 -13.47 15.30
N LYS B 198 -14.26 -12.83 16.46
CA LYS B 198 -14.80 -13.54 17.61
C LYS B 198 -16.14 -14.18 17.26
N LEU B 199 -16.94 -13.52 16.41
CA LEU B 199 -18.31 -13.93 16.19
C LEU B 199 -18.47 -14.62 14.84
N LEU B 200 -17.50 -15.42 14.39
CA LEU B 200 -17.75 -16.41 13.35
C LEU B 200 -18.66 -17.51 13.89
N GLU B 201 -18.24 -18.16 14.98
CA GLU B 201 -19.00 -19.26 15.58
C GLU B 201 -20.24 -18.66 16.26
N LEU B 202 -20.09 -17.92 17.38
CA LEU B 202 -21.28 -17.37 18.01
C LEU B 202 -21.10 -15.90 18.32
N VAL B 203 -20.56 -15.61 19.44
CA VAL B 203 -20.55 -14.23 19.85
C VAL B 203 -19.18 -13.61 19.56
C1 CIT C . -13.64 -18.07 9.94
O1 CIT C . -13.35 -18.80 10.90
O2 CIT C . -14.55 -18.37 9.09
C2 CIT C . -12.85 -16.78 9.75
C3 CIT C . -13.24 -15.60 10.61
O7 CIT C . -13.39 -16.04 11.92
C4 CIT C . -14.48 -14.92 10.15
C5 CIT C . -15.12 -13.84 11.02
O3 CIT C . -15.85 -14.20 11.96
O4 CIT C . -15.04 -12.65 10.66
C6 CIT C . -12.15 -14.62 10.58
O5 CIT C . -11.02 -15.06 10.75
O6 CIT C . -12.50 -13.46 10.41
#